data_8PJY
#
_entry.id   8PJY
#
_cell.length_a   47.048
_cell.length_b   66.661
_cell.length_c   48.243
_cell.angle_alpha   90.000
_cell.angle_beta   117.590
_cell.angle_gamma   90.000
#
_symmetry.space_group_name_H-M   'P 1 21 1'
#
loop_
_entity.id
_entity.type
_entity.pdbx_description
1 polymer SAKe6EEref
2 water water
#
_entity_poly.entity_id   1
_entity_poly.type   'polypeptide(L)'
_entity_poly.pdbx_seq_one_letter_code
;GSHMGGLIYAVGGYNNSPDGHTHLSSLEAYNPSTDTWSPVAPMSVPRSGVGVAVIDGLIYAVGGYDGHTHLNSVEAYDPE
TDEWSLVAPMTTRRSGVGVAVLGGLIYAVGGYNNSPDGHTHLSSLEAYNPSTDTWSPVAPMSVPRSGVGVAVIDGLIYAV
GGYDGHTHLNSVEAYDPETDEWSLVAPMTTRRSGVGVAVLGGLIYAVGGYNNSPDGHTHLSSLEAYNPSTDTWSPVAPMS
VPRSGVGVAVIDGLIYAVGGYDGHTHLNSVEAYDPETDEWSLVAPMTTRRSGVGVAVL
;
_entity_poly.pdbx_strand_id   A
#
# COMPACT_ATOMS: atom_id res chain seq x y z
N GLY A 6 19.80 -3.49 -0.55
CA GLY A 6 18.41 -3.12 -0.74
C GLY A 6 18.06 -1.72 -0.23
N LEU A 7 17.31 -0.97 -1.02
CA LEU A 7 16.82 0.34 -0.65
C LEU A 7 15.31 0.31 -0.48
N ILE A 8 14.80 1.22 0.36
CA ILE A 8 13.37 1.45 0.46
C ILE A 8 13.03 2.69 -0.37
N TYR A 9 12.09 2.56 -1.30
CA TYR A 9 11.62 3.67 -2.09
C TYR A 9 10.25 4.14 -1.60
N ALA A 10 10.13 5.44 -1.40
CA ALA A 10 8.86 6.09 -1.13
C ALA A 10 8.41 6.79 -2.41
N VAL A 11 7.18 6.47 -2.85
CA VAL A 11 6.66 6.78 -4.18
C VAL A 11 5.42 7.65 -4.05
N GLY A 12 5.49 8.88 -4.58
CA GLY A 12 4.30 9.69 -4.64
C GLY A 12 3.77 10.08 -3.28
N GLY A 13 2.44 10.21 -3.20
CA GLY A 13 1.75 10.62 -2.01
C GLY A 13 1.18 12.03 -2.11
N TYR A 14 0.92 12.61 -0.93
CA TYR A 14 0.17 13.86 -0.81
C TYR A 14 0.64 14.59 0.44
N ASN A 15 0.65 15.91 0.39
CA ASN A 15 0.91 16.73 1.57
C ASN A 15 0.37 18.14 1.35
N ASN A 16 0.57 19.01 2.35
CA ASN A 16 0.29 20.43 2.23
C ASN A 16 1.54 21.30 2.40
N SER A 17 2.73 20.74 2.18
CA SER A 17 3.97 21.41 2.53
C SER A 17 5.01 21.25 1.43
N PRO A 18 5.46 22.34 0.81
CA PRO A 18 5.17 23.75 1.12
C PRO A 18 3.86 24.27 0.56
N ASP A 19 3.20 23.51 -0.32
CA ASP A 19 2.01 23.98 -1.02
C ASP A 19 0.80 23.13 -0.65
N GLY A 20 -0.32 23.79 -0.41
CA GLY A 20 -1.53 23.07 -0.05
C GLY A 20 -1.99 22.12 -1.14
N HIS A 21 -2.62 21.03 -0.70
CA HIS A 21 -3.27 20.05 -1.56
C HIS A 21 -2.38 19.56 -2.70
N THR A 22 -1.14 19.19 -2.36
CA THR A 22 -0.15 18.78 -3.36
C THR A 22 -0.08 17.27 -3.47
N HIS A 23 -0.41 16.78 -4.65
CA HIS A 23 -0.19 15.38 -5.00
C HIS A 23 1.18 15.29 -5.66
N LEU A 24 1.91 14.25 -5.30
CA LEU A 24 3.36 14.18 -5.56
C LEU A 24 3.71 13.22 -6.68
N SER A 25 4.59 13.66 -7.58
CA SER A 25 5.25 12.77 -8.53
C SER A 25 6.63 12.31 -8.06
N SER A 26 7.14 12.87 -6.97
CA SER A 26 8.53 12.63 -6.54
C SER A 26 8.74 11.24 -5.94
N LEU A 27 10.00 10.81 -5.92
CA LEU A 27 10.45 9.52 -5.40
C LEU A 27 11.66 9.80 -4.52
N GLU A 28 11.78 9.11 -3.41
CA GLU A 28 13.03 9.20 -2.60
C GLU A 28 13.41 7.79 -2.15
N ALA A 29 14.67 7.53 -1.97
CA ALA A 29 15.20 6.21 -1.65
C ALA A 29 15.95 6.28 -0.33
N TYR A 30 15.71 5.27 0.51
CA TYR A 30 16.33 5.16 1.83
C TYR A 30 17.37 4.05 1.84
N ASN A 31 18.56 4.40 2.28
CA ASN A 31 19.64 3.46 2.47
C ASN A 31 19.71 3.08 3.94
N PRO A 32 19.32 1.85 4.32
CA PRO A 32 19.37 1.49 5.75
C PRO A 32 20.77 1.49 6.33
N SER A 33 21.79 1.26 5.52
CA SER A 33 23.15 1.19 6.05
C SER A 33 23.62 2.55 6.57
N THR A 34 23.20 3.63 5.94
CA THR A 34 23.59 4.96 6.38
C THR A 34 22.44 5.74 7.00
N ASP A 35 21.23 5.18 7.03
CA ASP A 35 20.06 5.87 7.57
C ASP A 35 19.85 7.23 6.91
N THR A 36 19.86 7.25 5.57
CA THR A 36 19.70 8.48 4.82
C THR A 36 18.74 8.27 3.66
N TRP A 37 17.99 9.33 3.36
CA TRP A 37 17.09 9.39 2.21
C TRP A 37 17.68 10.32 1.16
N SER A 38 17.50 9.95 -0.11
N SER A 38 17.49 9.98 -0.11
CA SER A 38 17.98 10.70 -1.26
CA SER A 38 17.91 10.88 -1.15
C SER A 38 16.87 10.80 -2.30
C SER A 38 16.96 10.81 -2.35
N PRO A 39 16.72 11.93 -3.00
CA PRO A 39 15.78 11.97 -4.12
C PRO A 39 16.29 11.20 -5.32
N VAL A 40 15.34 10.68 -6.10
CA VAL A 40 15.67 10.10 -7.40
C VAL A 40 14.62 10.61 -8.38
N ALA A 41 14.58 10.05 -9.58
CA ALA A 41 13.82 10.69 -10.66
C ALA A 41 12.32 10.64 -10.39
N PRO A 42 11.57 11.70 -10.69
CA PRO A 42 10.13 11.68 -10.47
C PRO A 42 9.37 10.95 -11.58
N MET A 43 8.17 10.49 -11.24
CA MET A 43 7.23 9.91 -12.18
C MET A 43 6.73 10.93 -13.20
N SER A 44 6.08 10.40 -14.23
CA SER A 44 5.49 11.22 -15.29
C SER A 44 4.30 12.04 -14.80
N VAL A 45 3.66 11.62 -13.70
CA VAL A 45 2.44 12.27 -13.22
C VAL A 45 2.41 12.15 -11.71
N PRO A 46 1.79 13.07 -11.00
CA PRO A 46 1.60 12.88 -9.55
C PRO A 46 0.69 11.68 -9.30
N ARG A 47 0.96 10.94 -8.21
CA ARG A 47 0.13 9.81 -7.83
C ARG A 47 0.05 9.71 -6.31
N SER A 48 -1.11 10.01 -5.75
CA SER A 48 -1.41 9.69 -4.36
C SER A 48 -2.38 8.51 -4.33
N GLY A 49 -2.39 7.79 -3.23
CA GLY A 49 -3.16 6.56 -3.22
C GLY A 49 -2.69 5.57 -4.26
N VAL A 50 -1.40 5.54 -4.50
CA VAL A 50 -0.76 4.75 -5.55
C VAL A 50 -0.41 3.39 -4.98
N GLY A 51 -0.47 2.37 -5.84
CA GLY A 51 0.02 1.05 -5.49
C GLY A 51 1.37 0.82 -6.13
N VAL A 52 2.21 0.01 -5.49
CA VAL A 52 3.57 -0.20 -5.99
C VAL A 52 3.90 -1.68 -5.96
N ALA A 53 4.57 -2.14 -7.01
CA ALA A 53 5.00 -3.52 -7.16
C ALA A 53 6.45 -3.54 -7.57
N VAL A 54 7.17 -4.57 -7.15
CA VAL A 54 8.54 -4.81 -7.59
C VAL A 54 8.57 -6.15 -8.31
N ILE A 55 9.03 -6.15 -9.56
CA ILE A 55 9.26 -7.38 -10.31
C ILE A 55 10.28 -7.09 -11.39
N ASP A 56 11.09 -8.10 -11.71
CA ASP A 56 12.11 -8.01 -12.76
C ASP A 56 13.03 -6.81 -12.57
N GLY A 57 13.32 -6.48 -11.32
CA GLY A 57 14.25 -5.40 -11.03
C GLY A 57 13.70 -4.01 -11.27
N LEU A 58 12.38 -3.88 -11.41
CA LEU A 58 11.72 -2.62 -11.68
C LEU A 58 10.69 -2.34 -10.61
N ILE A 59 10.44 -1.06 -10.36
CA ILE A 59 9.34 -0.62 -9.51
C ILE A 59 8.20 -0.16 -10.40
N TYR A 60 7.04 -0.77 -10.25
CA TYR A 60 5.86 -0.35 -10.98
C TYR A 60 4.97 0.51 -10.07
N ALA A 61 4.66 1.70 -10.54
CA ALA A 61 3.69 2.58 -9.89
C ALA A 61 2.36 2.42 -10.62
N VAL A 62 1.32 2.03 -9.90
CA VAL A 62 0.06 1.57 -10.45
C VAL A 62 -1.04 2.51 -9.99
N GLY A 63 -1.71 3.17 -10.95
CA GLY A 63 -2.89 3.94 -10.60
C GLY A 63 -2.57 5.13 -9.68
N GLY A 64 -3.50 5.43 -8.79
CA GLY A 64 -3.41 6.61 -7.98
C GLY A 64 -4.29 7.74 -8.48
N TYR A 65 -4.07 8.90 -7.89
CA TYR A 65 -4.84 10.11 -8.16
C TYR A 65 -3.85 11.24 -8.38
N ASP A 66 -4.04 12.00 -9.45
CA ASP A 66 -3.05 13.02 -9.84
C ASP A 66 -3.42 14.42 -9.35
N GLY A 67 -4.47 14.54 -8.54
CA GLY A 67 -4.99 15.81 -8.13
C GLY A 67 -6.28 16.19 -8.82
N HIS A 68 -6.63 15.51 -9.93
CA HIS A 68 -7.81 15.80 -10.70
C HIS A 68 -8.51 14.52 -11.14
N THR A 69 -7.72 13.52 -11.52
CA THR A 69 -8.21 12.31 -12.17
C THR A 69 -7.69 11.07 -11.46
N HIS A 70 -8.57 10.09 -11.29
CA HIS A 70 -8.17 8.77 -10.82
C HIS A 70 -7.58 8.01 -12.01
N LEU A 71 -6.40 7.44 -11.82
CA LEU A 71 -5.56 7.00 -12.93
C LEU A 71 -5.72 5.52 -13.23
N ASN A 72 -5.74 5.18 -14.53
CA ASN A 72 -5.47 3.80 -14.95
C ASN A 72 -4.03 3.62 -15.44
N SER A 73 -3.24 4.68 -15.52
CA SER A 73 -1.90 4.53 -16.07
C SER A 73 -0.97 3.86 -15.08
N VAL A 74 0.11 3.32 -15.63
CA VAL A 74 1.10 2.52 -14.92
C VAL A 74 2.44 2.86 -15.53
N GLU A 75 3.45 3.02 -14.67
CA GLU A 75 4.80 3.30 -15.16
C GLU A 75 5.81 2.54 -14.31
N ALA A 76 6.97 2.23 -14.92
CA ALA A 76 8.00 1.38 -14.32
C ALA A 76 9.31 2.13 -14.21
N TYR A 77 9.95 2.00 -13.04
CA TYR A 77 11.20 2.67 -12.70
C TYR A 77 12.35 1.66 -12.69
N ASP A 78 13.41 1.97 -13.43
CA ASP A 78 14.62 1.18 -13.41
C ASP A 78 15.68 1.90 -12.57
N PRO A 79 16.03 1.38 -11.39
CA PRO A 79 17.06 2.08 -10.58
C PRO A 79 18.40 2.16 -11.25
N GLU A 80 18.70 1.26 -12.19
CA GLU A 80 20.00 1.27 -12.85
C GLU A 80 20.16 2.50 -13.73
N THR A 81 19.08 2.95 -14.37
CA THR A 81 19.10 4.11 -15.26
C THR A 81 18.46 5.35 -14.66
N ASP A 82 17.79 5.22 -13.52
CA ASP A 82 17.08 6.34 -12.89
C ASP A 82 16.05 6.96 -13.82
N GLU A 83 15.24 6.09 -14.44
CA GLU A 83 14.30 6.52 -15.46
C GLU A 83 13.00 5.74 -15.34
N TRP A 84 11.89 6.44 -15.55
CA TRP A 84 10.56 5.85 -15.59
C TRP A 84 10.10 5.68 -17.04
N SER A 85 9.33 4.62 -17.27
CA SER A 85 8.74 4.34 -18.58
C SER A 85 7.29 3.90 -18.41
N LEU A 86 6.40 4.45 -19.23
CA LEU A 86 5.00 4.02 -19.16
C LEU A 86 4.87 2.62 -19.73
N VAL A 87 3.99 1.83 -19.14
CA VAL A 87 3.61 0.52 -19.66
C VAL A 87 2.12 0.54 -19.91
N ALA A 88 1.54 -0.61 -20.23
CA ALA A 88 0.13 -0.63 -20.59
C ALA A 88 -0.73 -0.20 -19.41
N PRO A 89 -1.77 0.60 -19.65
CA PRO A 89 -2.65 1.00 -18.55
C PRO A 89 -3.60 -0.12 -18.14
N MET A 90 -4.05 -0.02 -16.88
CA MET A 90 -5.11 -0.89 -16.42
C MET A 90 -6.40 -0.66 -17.19
N THR A 91 -7.26 -1.68 -17.14
CA THR A 91 -8.60 -1.53 -17.70
C THR A 91 -9.49 -0.64 -16.85
N THR A 92 -9.28 -0.58 -15.54
CA THR A 92 -10.07 0.22 -14.63
C THR A 92 -9.17 1.27 -13.96
N ARG A 93 -9.68 2.49 -13.85
CA ARG A 93 -9.00 3.53 -13.08
C ARG A 93 -9.12 3.20 -11.59
N ARG A 94 -8.02 3.36 -10.85
CA ARG A 94 -8.00 2.94 -9.44
C ARG A 94 -7.05 3.82 -8.64
N SER A 95 -7.56 4.51 -7.62
CA SER A 95 -6.73 5.07 -6.57
C SER A 95 -7.09 4.39 -5.25
N GLY A 96 -6.24 4.53 -4.25
CA GLY A 96 -6.47 3.74 -3.05
C GLY A 96 -6.42 2.26 -3.33
N VAL A 97 -5.56 1.86 -4.25
CA VAL A 97 -5.50 0.52 -4.82
C VAL A 97 -4.42 -0.29 -4.12
N GLY A 98 -4.68 -1.56 -3.90
CA GLY A 98 -3.66 -2.46 -3.37
C GLY A 98 -2.98 -3.17 -4.53
N VAL A 99 -1.70 -3.48 -4.36
CA VAL A 99 -0.92 -4.11 -5.42
C VAL A 99 -0.09 -5.25 -4.83
N ALA A 100 -0.09 -6.39 -5.52
CA ALA A 100 0.60 -7.59 -5.09
C ALA A 100 1.34 -8.18 -6.28
N VAL A 101 2.48 -8.84 -6.04
CA VAL A 101 3.17 -9.62 -7.04
C VAL A 101 3.10 -11.09 -6.62
N LEU A 102 2.62 -11.95 -7.53
CA LEU A 102 2.53 -13.38 -7.25
C LEU A 102 2.56 -14.12 -8.57
N GLY A 103 3.36 -15.18 -8.63
CA GLY A 103 3.41 -16.00 -9.84
C GLY A 103 3.84 -15.25 -11.08
N GLY A 104 4.68 -14.24 -10.91
CA GLY A 104 5.18 -13.49 -12.02
C GLY A 104 4.22 -12.48 -12.57
N LEU A 105 3.08 -12.25 -11.90
CA LEU A 105 2.09 -11.27 -12.31
C LEU A 105 1.93 -10.18 -11.26
N ILE A 106 1.57 -8.98 -11.71
CA ILE A 106 1.21 -7.87 -10.83
C ILE A 106 -0.31 -7.80 -10.73
N TYR A 107 -0.85 -7.84 -9.53
CA TYR A 107 -2.29 -7.74 -9.34
C TYR A 107 -2.62 -6.36 -8.76
N ALA A 108 -3.63 -5.73 -9.34
CA ALA A 108 -4.23 -4.51 -8.86
C ALA A 108 -5.56 -4.88 -8.21
N VAL A 109 -5.72 -4.52 -6.94
CA VAL A 109 -6.78 -5.00 -6.06
C VAL A 109 -7.63 -3.82 -5.60
N GLY A 110 -8.90 -3.83 -5.99
CA GLY A 110 -9.83 -2.84 -5.44
C GLY A 110 -9.52 -1.42 -5.87
N GLY A 111 -9.75 -0.50 -4.94
CA GLY A 111 -9.54 0.91 -5.18
C GLY A 111 -10.83 1.69 -5.37
N TYR A 112 -10.68 2.88 -5.94
CA TYR A 112 -11.75 3.87 -6.05
C TYR A 112 -11.58 4.64 -7.36
N ASN A 113 -12.71 5.01 -7.97
CA ASN A 113 -12.67 5.95 -9.08
C ASN A 113 -13.98 6.72 -9.09
N ASN A 114 -14.08 7.69 -9.99
CA ASN A 114 -15.34 8.48 -10.14
C ASN A 114 -15.63 8.68 -11.62
N SER A 115 -14.92 8.01 -12.52
CA SER A 115 -14.98 8.32 -13.97
C SER A 115 -16.07 7.52 -14.64
N PRO A 116 -15.99 6.18 -14.71
CA PRO A 116 -17.02 5.51 -15.49
C PRO A 116 -18.45 5.71 -14.93
N ASP A 117 -18.74 5.24 -13.73
CA ASP A 117 -20.13 5.22 -13.18
C ASP A 117 -20.18 5.99 -11.87
N GLY A 118 -19.69 7.21 -11.87
CA GLY A 118 -19.75 8.06 -10.69
C GLY A 118 -18.89 7.52 -9.57
N HIS A 119 -19.14 7.92 -8.34
CA HIS A 119 -18.28 7.54 -7.22
C HIS A 119 -18.34 6.03 -7.03
N THR A 120 -17.20 5.34 -7.11
CA THR A 120 -17.23 3.88 -7.17
C THR A 120 -16.09 3.32 -6.35
N HIS A 121 -16.41 2.57 -5.31
CA HIS A 121 -15.42 1.73 -4.61
C HIS A 121 -15.46 0.35 -5.23
N LEU A 122 -14.29 -0.22 -5.48
CA LEU A 122 -14.15 -1.36 -6.38
C LEU A 122 -13.89 -2.67 -5.64
N SER A 123 -14.57 -3.72 -6.07
CA SER A 123 -14.24 -5.09 -5.66
C SER A 123 -13.41 -5.83 -6.70
N SER A 124 -13.17 -5.22 -7.85
CA SER A 124 -12.55 -5.92 -8.95
C SER A 124 -11.04 -6.07 -8.76
N LEU A 125 -10.48 -7.00 -9.52
CA LEU A 125 -9.10 -7.47 -9.51
C LEU A 125 -8.67 -7.57 -10.96
N GLU A 126 -7.48 -7.10 -11.29
CA GLU A 126 -6.89 -7.37 -12.60
C GLU A 126 -5.42 -7.69 -12.45
N ALA A 127 -4.90 -8.46 -13.40
CA ALA A 127 -3.57 -9.03 -13.35
C ALA A 127 -2.77 -8.62 -14.58
N TYR A 128 -1.54 -8.17 -14.36
CA TYR A 128 -0.64 -7.72 -15.40
C TYR A 128 0.46 -8.73 -15.62
N ASN A 129 0.66 -9.11 -16.89
CA ASN A 129 1.77 -9.99 -17.26
C ASN A 129 2.85 -9.16 -17.92
N PRO A 130 3.99 -8.94 -17.28
CA PRO A 130 5.05 -8.13 -17.94
C PRO A 130 5.53 -8.68 -19.26
N SER A 131 5.45 -10.00 -19.48
CA SER A 131 5.94 -10.55 -20.73
C SER A 131 4.97 -10.35 -21.89
N THR A 132 3.72 -10.02 -21.61
CA THR A 132 2.79 -9.64 -22.67
C THR A 132 2.34 -8.19 -22.59
N ASP A 133 2.76 -7.45 -21.56
CA ASP A 133 2.33 -6.07 -21.37
C ASP A 133 0.81 -5.93 -21.47
N THR A 134 0.10 -6.84 -20.80
CA THR A 134 -1.36 -6.92 -20.87
C THR A 134 -1.94 -7.11 -19.48
N TRP A 135 -3.02 -6.37 -19.22
CA TRP A 135 -3.84 -6.47 -18.02
C TRP A 135 -5.09 -7.28 -18.34
N SER A 136 -5.44 -8.20 -17.44
CA SER A 136 -6.57 -9.09 -17.63
C SER A 136 -7.43 -9.08 -16.36
N PRO A 137 -8.75 -8.91 -16.48
CA PRO A 137 -9.60 -9.06 -15.30
C PRO A 137 -9.65 -10.49 -14.79
N VAL A 138 -9.71 -10.63 -13.47
CA VAL A 138 -9.93 -11.93 -12.84
C VAL A 138 -11.04 -11.78 -11.81
N ALA A 139 -11.17 -12.73 -10.90
CA ALA A 139 -12.38 -12.77 -10.09
C ALA A 139 -12.39 -11.63 -9.06
N PRO A 140 -13.55 -11.00 -8.84
CA PRO A 140 -13.63 -9.94 -7.84
C PRO A 140 -13.78 -10.45 -6.42
N MET A 141 -13.44 -9.58 -5.48
CA MET A 141 -13.58 -9.84 -4.06
C MET A 141 -15.05 -9.87 -3.63
N SER A 142 -15.27 -10.33 -2.39
CA SER A 142 -16.60 -10.40 -1.81
C SER A 142 -17.23 -9.03 -1.59
N VAL A 143 -16.41 -7.99 -1.48
CA VAL A 143 -16.87 -6.67 -1.09
C VAL A 143 -15.96 -5.64 -1.75
N PRO A 144 -16.44 -4.43 -2.05
CA PRO A 144 -15.53 -3.37 -2.51
C PRO A 144 -14.55 -3.01 -1.41
N ARG A 145 -13.31 -2.69 -1.80
CA ARG A 145 -12.32 -2.25 -0.83
C ARG A 145 -11.44 -1.19 -1.47
N SER A 146 -11.59 0.06 -1.05
CA SER A 146 -10.61 1.10 -1.33
C SER A 146 -9.77 1.33 -0.08
N GLY A 147 -8.55 1.81 -0.27
CA GLY A 147 -7.64 1.95 0.88
C GLY A 147 -7.31 0.60 1.48
N VAL A 148 -7.18 -0.39 0.65
CA VAL A 148 -6.99 -1.77 1.07
C VAL A 148 -5.52 -2.08 1.16
N GLY A 149 -5.15 -2.93 2.11
CA GLY A 149 -3.80 -3.42 2.21
C GLY A 149 -3.74 -4.81 1.59
N VAL A 150 -2.62 -5.15 0.97
CA VAL A 150 -2.46 -6.44 0.31
C VAL A 150 -1.16 -7.11 0.74
N ALA A 151 -1.24 -8.41 1.01
CA ALA A 151 -0.10 -9.23 1.39
C ALA A 151 -0.05 -10.47 0.51
N VAL A 152 1.14 -10.97 0.21
CA VAL A 152 1.32 -12.23 -0.48
C VAL A 152 2.06 -13.20 0.44
N ILE A 153 1.47 -14.36 0.68
CA ILE A 153 2.14 -15.40 1.43
C ILE A 153 1.52 -16.73 1.03
N ASP A 154 2.35 -17.76 0.96
CA ASP A 154 1.83 -19.13 0.82
C ASP A 154 1.06 -19.30 -0.51
N GLY A 155 1.43 -18.57 -1.57
CA GLY A 155 0.74 -18.66 -2.84
C GLY A 155 -0.61 -17.96 -2.91
N LEU A 156 -0.95 -17.16 -1.91
CA LEU A 156 -2.22 -16.46 -1.85
C LEU A 156 -1.99 -14.96 -1.75
N ILE A 157 -2.95 -14.19 -2.28
CA ILE A 157 -3.02 -12.75 -2.06
C ILE A 157 -4.08 -12.48 -1.01
N TYR A 158 -3.71 -11.84 0.09
CA TYR A 158 -4.66 -11.42 1.12
C TYR A 158 -5.01 -9.95 0.94
N ALA A 159 -6.31 -9.67 0.85
CA ALA A 159 -6.84 -8.32 0.87
C ALA A 159 -7.32 -8.04 2.27
N VAL A 160 -6.77 -6.99 2.89
CA VAL A 160 -6.93 -6.70 4.30
C VAL A 160 -7.63 -5.36 4.47
N GLY A 161 -8.79 -5.37 5.11
CA GLY A 161 -9.45 -4.12 5.47
C GLY A 161 -9.86 -3.31 4.27
N GLY A 162 -9.78 -1.99 4.42
CA GLY A 162 -10.26 -1.08 3.41
C GLY A 162 -11.59 -0.48 3.79
N TYR A 163 -12.22 0.15 2.79
CA TYR A 163 -13.49 0.85 2.96
C TYR A 163 -14.37 0.43 1.79
N ASP A 164 -15.61 0.06 2.07
CA ASP A 164 -16.48 -0.48 1.04
C ASP A 164 -17.40 0.55 0.42
N GLY A 165 -17.20 1.82 0.70
CA GLY A 165 -18.11 2.88 0.31
C GLY A 165 -18.98 3.38 1.45
N HIS A 166 -19.04 2.65 2.56
CA HIS A 166 -19.87 3.07 3.68
C HIS A 166 -19.30 2.63 5.02
N THR A 167 -18.62 1.49 5.05
CA THR A 167 -18.10 0.91 6.28
C THR A 167 -16.58 0.70 6.17
N HIS A 168 -15.87 1.02 7.24
CA HIS A 168 -14.46 0.67 7.36
C HIS A 168 -14.36 -0.78 7.79
N LEU A 169 -13.56 -1.57 7.07
CA LEU A 169 -13.66 -3.01 7.14
C LEU A 169 -12.63 -3.62 8.08
N ASN A 170 -13.08 -4.61 8.86
CA ASN A 170 -12.15 -5.53 9.48
C ASN A 170 -12.02 -6.85 8.71
N SER A 171 -12.84 -7.07 7.70
CA SER A 171 -12.78 -8.35 7.01
C SER A 171 -11.51 -8.48 6.18
N VAL A 172 -11.18 -9.73 5.89
CA VAL A 172 -9.98 -10.13 5.17
C VAL A 172 -10.35 -11.32 4.30
N GLU A 173 -9.83 -11.35 3.08
CA GLU A 173 -10.08 -12.47 2.20
C GLU A 173 -8.83 -12.78 1.37
N ALA A 174 -8.71 -14.04 0.95
CA ALA A 174 -7.51 -14.52 0.28
C ALA A 174 -7.85 -15.07 -1.10
N TYR A 175 -7.03 -14.71 -2.09
CA TYR A 175 -7.21 -15.10 -3.49
C TYR A 175 -6.17 -16.15 -3.86
N ASP A 176 -6.63 -17.24 -4.47
CA ASP A 176 -5.77 -18.28 -5.00
C ASP A 176 -5.75 -18.18 -6.51
N PRO A 177 -4.64 -17.78 -7.13
CA PRO A 177 -4.64 -17.68 -8.60
C PRO A 177 -4.89 -18.99 -9.29
N GLU A 178 -4.59 -20.13 -8.65
CA GLU A 178 -4.76 -21.42 -9.31
C GLU A 178 -6.22 -21.77 -9.51
N THR A 179 -7.08 -21.32 -8.60
CA THR A 179 -8.51 -21.56 -8.69
C THR A 179 -9.30 -20.32 -9.13
N ASP A 180 -8.68 -19.15 -9.17
CA ASP A 180 -9.37 -17.89 -9.44
C ASP A 180 -10.57 -17.72 -8.51
N GLU A 181 -10.36 -17.98 -7.21
CA GLU A 181 -11.39 -17.80 -6.21
C GLU A 181 -10.84 -17.10 -4.98
N TRP A 182 -11.70 -16.30 -4.36
CA TRP A 182 -11.46 -15.65 -3.10
C TRP A 182 -12.15 -16.41 -1.98
N SER A 183 -11.56 -16.39 -0.80
CA SER A 183 -12.18 -17.02 0.35
C SER A 183 -11.96 -16.15 1.57
N LEU A 184 -13.01 -15.94 2.36
CA LEU A 184 -12.85 -15.12 3.57
C LEU A 184 -12.01 -15.87 4.59
N VAL A 185 -11.20 -15.13 5.31
CA VAL A 185 -10.49 -15.68 6.47
C VAL A 185 -10.95 -14.90 7.70
N ALA A 186 -10.27 -15.08 8.82
CA ALA A 186 -10.72 -14.42 10.05
C ALA A 186 -10.59 -12.90 9.90
N PRO A 187 -11.59 -12.13 10.33
CA PRO A 187 -11.44 -10.68 10.32
C PRO A 187 -10.47 -10.22 11.41
N MET A 188 -9.86 -9.06 11.16
CA MET A 188 -9.06 -8.40 12.18
C MET A 188 -9.95 -8.02 13.36
N THR A 189 -9.30 -7.79 14.50
CA THR A 189 -10.04 -7.28 15.63
C THR A 189 -10.43 -5.82 15.43
N THR A 190 -9.60 -5.05 14.76
CA THR A 190 -9.83 -3.63 14.53
C THR A 190 -10.17 -3.37 13.07
N ARG A 191 -11.17 -2.55 12.82
CA ARG A 191 -11.45 -2.08 11.45
C ARG A 191 -10.39 -1.11 11.01
N ARG A 192 -9.92 -1.24 9.77
CA ARG A 192 -8.79 -0.43 9.29
C ARG A 192 -8.95 -0.18 7.80
N SER A 193 -9.17 1.08 7.42
CA SER A 193 -8.97 1.48 6.04
C SER A 193 -7.71 2.35 5.96
N GLY A 194 -7.18 2.49 4.76
CA GLY A 194 -5.90 3.17 4.63
C GLY A 194 -4.80 2.47 5.39
N VAL A 195 -4.85 1.14 5.42
CA VAL A 195 -4.01 0.30 6.24
C VAL A 195 -2.80 -0.17 5.46
N GLY A 196 -1.66 -0.25 6.13
CA GLY A 196 -0.47 -0.85 5.53
C GLY A 196 -0.36 -2.32 5.93
N VAL A 197 0.29 -3.10 5.08
CA VAL A 197 0.42 -4.53 5.33
C VAL A 197 1.85 -4.99 5.05
N ALA A 198 2.35 -5.87 5.91
CA ALA A 198 3.69 -6.45 5.77
C ALA A 198 3.61 -7.95 6.02
N VAL A 199 4.44 -8.70 5.32
CA VAL A 199 4.63 -10.12 5.60
C VAL A 199 6.04 -10.31 6.14
N LEU A 200 6.14 -10.93 7.32
CA LEU A 200 7.44 -11.17 7.95
C LEU A 200 7.32 -12.37 8.88
N GLY A 201 8.23 -13.32 8.75
CA GLY A 201 8.26 -14.43 9.69
C GLY A 201 7.05 -15.33 9.64
N GLY A 202 6.42 -15.42 8.48
CA GLY A 202 5.23 -16.22 8.34
C GLY A 202 3.96 -15.55 8.79
N LEU A 203 4.02 -14.31 9.28
CA LEU A 203 2.85 -13.60 9.78
C LEU A 203 2.54 -12.44 8.86
N ILE A 204 1.26 -12.05 8.80
CA ILE A 204 0.83 -10.84 8.11
C ILE A 204 0.55 -9.78 9.16
N TYR A 205 1.18 -8.63 9.01
CA TYR A 205 0.97 -7.50 9.92
C TYR A 205 0.09 -6.44 9.27
N ALA A 206 -0.97 -6.05 9.96
CA ALA A 206 -1.79 -4.90 9.59
C ALA A 206 -1.33 -3.72 10.42
N VAL A 207 -0.97 -2.65 9.72
CA VAL A 207 -0.27 -1.50 10.30
C VAL A 207 -1.13 -0.25 10.18
N GLY A 208 -1.53 0.30 11.33
CA GLY A 208 -2.22 1.56 11.32
C GLY A 208 -3.57 1.50 10.63
N GLY A 209 -3.91 2.59 9.98
CA GLY A 209 -5.20 2.70 9.29
C GLY A 209 -6.13 3.68 9.97
N TYR A 210 -7.39 3.63 9.63
CA TYR A 210 -8.39 4.58 10.12
C TYR A 210 -9.71 3.89 10.26
N ASN A 211 -10.51 4.34 11.19
CA ASN A 211 -11.88 3.80 11.30
C ASN A 211 -12.81 4.81 11.95
N ASN A 212 -14.05 4.44 12.13
CA ASN A 212 -15.09 5.24 12.76
C ASN A 212 -15.62 4.47 13.96
N SER A 213 -16.31 5.20 14.84
CA SER A 213 -16.90 4.62 16.03
C SER A 213 -18.10 5.48 16.38
N PRO A 214 -18.97 4.99 17.27
CA PRO A 214 -20.03 5.88 17.79
C PRO A 214 -19.48 7.19 18.33
N ASP A 215 -18.24 7.20 18.83
CA ASP A 215 -17.63 8.39 19.41
C ASP A 215 -16.81 9.19 18.41
N GLY A 216 -16.71 8.77 17.14
CA GLY A 216 -16.04 9.55 16.08
C GLY A 216 -15.00 8.76 15.30
N HIS A 217 -14.29 9.41 14.42
CA HIS A 217 -13.26 8.75 13.60
C HIS A 217 -11.89 8.79 14.24
N THR A 218 -11.08 7.78 13.96
CA THR A 218 -9.76 7.61 14.60
C THR A 218 -8.69 7.11 13.65
N HIS A 219 -7.57 7.78 13.62
CA HIS A 219 -6.36 7.28 12.98
C HIS A 219 -5.62 6.41 13.98
N LEU A 220 -5.06 5.31 13.48
CA LEU A 220 -4.57 4.23 14.34
C LEU A 220 -3.05 4.15 14.37
N SER A 221 -2.50 4.01 15.57
CA SER A 221 -1.11 3.61 15.73
C SER A 221 -0.95 2.12 15.93
N SER A 222 -2.05 1.40 16.12
CA SER A 222 -2.00 0.01 16.49
C SER A 222 -1.59 -0.88 15.33
N LEU A 223 -1.13 -2.06 15.71
CA LEU A 223 -0.78 -3.13 14.78
C LEU A 223 -1.41 -4.42 15.27
N GLU A 224 -1.73 -5.28 14.32
CA GLU A 224 -2.10 -6.64 14.67
C GLU A 224 -1.48 -7.60 13.68
N ALA A 225 -1.17 -8.80 14.17
CA ALA A 225 -0.49 -9.82 13.39
C ALA A 225 -1.39 -11.02 13.17
N TYR A 226 -1.41 -11.52 11.95
CA TYR A 226 -2.23 -12.66 11.56
C TYR A 226 -1.34 -13.90 11.47
N ASN A 227 -1.77 -14.97 12.13
CA ASN A 227 -1.11 -16.26 12.03
C ASN A 227 -1.92 -17.14 11.09
N PRO A 228 -1.46 -17.39 9.86
CA PRO A 228 -2.27 -18.19 8.93
C PRO A 228 -2.47 -19.61 9.39
N SER A 229 -1.60 -20.15 10.24
CA SER A 229 -1.71 -21.56 10.60
C SER A 229 -2.92 -21.80 11.50
N THR A 230 -3.31 -20.81 12.31
CA THR A 230 -4.47 -20.91 13.18
C THR A 230 -5.61 -20.00 12.77
N ASP A 231 -5.39 -19.12 11.81
CA ASP A 231 -6.40 -18.18 11.33
C ASP A 231 -6.83 -17.22 12.43
N THR A 232 -5.85 -16.70 13.18
CA THR A 232 -6.08 -15.81 14.31
C THR A 232 -5.23 -14.54 14.18
N TRP A 233 -5.79 -13.44 14.65
CA TRP A 233 -5.12 -12.15 14.75
C TRP A 233 -4.85 -11.85 16.21
N SER A 234 -3.73 -11.17 16.48
CA SER A 234 -3.45 -10.71 17.84
C SER A 234 -2.69 -9.40 17.80
N PRO A 235 -2.87 -8.54 18.79
CA PRO A 235 -2.15 -7.27 18.80
C PRO A 235 -0.66 -7.44 19.04
N VAL A 236 0.10 -6.51 18.47
CA VAL A 236 1.51 -6.32 18.85
C VAL A 236 1.71 -4.85 19.20
N ALA A 237 2.94 -4.41 19.40
CA ALA A 237 3.18 -3.06 19.92
C ALA A 237 2.76 -2.00 18.91
N PRO A 238 2.16 -0.91 19.36
CA PRO A 238 1.79 0.17 18.45
C PRO A 238 2.97 1.07 18.10
N MET A 239 2.80 1.76 16.97
CA MET A 239 3.74 2.77 16.52
C MET A 239 3.75 3.99 17.43
N SER A 240 4.77 4.84 17.23
CA SER A 240 4.91 6.07 17.99
C SER A 240 3.82 7.10 17.69
N VAL A 241 3.18 7.00 16.53
CA VAL A 241 2.20 7.98 16.06
C VAL A 241 1.17 7.24 15.23
N PRO A 242 -0.07 7.70 15.19
CA PRO A 242 -1.05 7.11 14.26
C PRO A 242 -0.62 7.35 12.83
N ARG A 243 -0.87 6.37 11.96
CA ARG A 243 -0.55 6.50 10.54
C ARG A 243 -1.64 5.80 9.70
N SER A 244 -2.40 6.57 8.94
CA SER A 244 -3.24 6.02 7.88
C SER A 244 -2.70 6.50 6.54
N GLY A 245 -3.02 5.77 5.48
CA GLY A 245 -2.39 6.10 4.22
C GLY A 245 -0.89 5.93 4.27
N VAL A 246 -0.44 4.91 5.01
CA VAL A 246 0.93 4.66 5.36
C VAL A 246 1.52 3.67 4.38
N GLY A 247 2.80 3.81 4.09
CA GLY A 247 3.52 2.82 3.33
C GLY A 247 4.30 1.90 4.26
N VAL A 248 4.45 0.64 3.86
CA VAL A 248 5.12 -0.36 4.69
C VAL A 248 6.13 -1.14 3.84
N ALA A 249 7.33 -1.32 4.38
CA ALA A 249 8.38 -2.07 3.72
C ALA A 249 8.93 -3.09 4.70
N VAL A 250 9.42 -4.21 4.18
CA VAL A 250 10.10 -5.22 4.98
C VAL A 250 11.49 -5.38 4.41
N ILE A 251 12.51 -5.19 5.26
CA ILE A 251 13.88 -5.42 4.84
C ILE A 251 14.69 -5.77 6.06
N ASP A 252 15.52 -6.79 5.91
CA ASP A 252 16.48 -7.22 6.94
C ASP A 252 15.78 -7.50 8.27
N GLY A 253 14.63 -8.15 8.18
CA GLY A 253 13.93 -8.61 9.35
C GLY A 253 13.18 -7.56 10.11
N LEU A 254 13.01 -6.36 9.55
CA LEU A 254 12.30 -5.28 10.18
C LEU A 254 11.16 -4.81 9.29
N ILE A 255 10.11 -4.28 9.92
CA ILE A 255 9.01 -3.64 9.23
C ILE A 255 9.21 -2.14 9.38
N TYR A 256 9.24 -1.42 8.25
CA TYR A 256 9.31 0.03 8.27
C TYR A 256 7.95 0.61 7.94
N ALA A 257 7.47 1.51 8.79
CA ALA A 257 6.27 2.30 8.55
C ALA A 257 6.73 3.68 8.09
N VAL A 258 6.27 4.08 6.90
CA VAL A 258 6.76 5.23 6.17
C VAL A 258 5.62 6.23 5.96
N GLY A 259 5.78 7.44 6.48
CA GLY A 259 4.80 8.47 6.20
C GLY A 259 3.42 8.15 6.73
N GLY A 260 2.41 8.64 6.00
CA GLY A 260 1.03 8.56 6.44
C GLY A 260 0.49 9.88 6.95
N TYR A 261 -0.74 9.81 7.45
CA TYR A 261 -1.45 10.95 8.01
C TYR A 261 -1.93 10.56 9.40
N ASP A 262 -1.74 11.43 10.39
CA ASP A 262 -2.12 11.12 11.76
C ASP A 262 -3.43 11.77 12.17
N GLY A 263 -4.15 12.38 11.23
CA GLY A 263 -5.34 13.12 11.52
C GLY A 263 -5.13 14.61 11.57
N HIS A 264 -3.87 15.04 11.62
CA HIS A 264 -3.55 16.46 11.69
C HIS A 264 -2.35 16.85 10.85
N THR A 265 -1.38 15.96 10.66
CA THR A 265 -0.13 16.23 9.95
C THR A 265 0.14 15.12 8.95
N HIS A 266 0.52 15.48 7.73
CA HIS A 266 1.10 14.55 6.77
C HIS A 266 2.55 14.31 7.18
N LEU A 267 2.90 13.05 7.39
CA LEU A 267 4.13 12.71 8.08
C LEU A 267 5.29 12.53 7.11
N ASN A 268 6.46 13.05 7.50
CA ASN A 268 7.72 12.63 6.92
C ASN A 268 8.44 11.57 7.77
N SER A 269 7.93 11.29 8.96
CA SER A 269 8.65 10.40 9.85
C SER A 269 8.52 8.95 9.41
N VAL A 270 9.46 8.14 9.90
CA VAL A 270 9.61 6.73 9.55
C VAL A 270 10.04 6.02 10.81
N GLU A 271 9.52 4.82 11.03
CA GLU A 271 9.95 4.03 12.18
C GLU A 271 10.00 2.57 11.79
N ALA A 272 10.79 1.79 12.52
CA ALA A 272 11.05 0.39 12.21
C ALA A 272 10.70 -0.51 13.39
N TYR A 273 10.07 -1.63 13.08
CA TYR A 273 9.60 -2.60 14.07
C TYR A 273 10.41 -3.88 13.98
N ASP A 274 10.89 -4.35 15.12
CA ASP A 274 11.58 -5.63 15.23
C ASP A 274 10.68 -6.65 15.92
N PRO A 275 10.16 -7.65 15.21
CA PRO A 275 9.28 -8.64 15.87
C PRO A 275 9.92 -9.37 17.03
N GLU A 276 11.25 -9.51 17.05
CA GLU A 276 11.91 -10.22 18.13
C GLU A 276 11.85 -9.45 19.44
N THR A 277 11.91 -8.12 19.39
CA THR A 277 11.80 -7.30 20.59
C THR A 277 10.40 -6.75 20.80
N ASP A 278 9.54 -6.81 19.78
CA ASP A 278 8.23 -6.18 19.84
C ASP A 278 8.33 -4.70 20.18
N GLU A 279 9.31 -4.03 19.57
CA GLU A 279 9.51 -2.60 19.79
C GLU A 279 9.77 -1.86 18.49
N TRP A 280 9.31 -0.61 18.45
CA TRP A 280 9.52 0.32 17.34
C TRP A 280 10.64 1.30 17.67
N SER A 281 11.39 1.68 16.64
CA SER A 281 12.48 2.64 16.76
C SER A 281 12.36 3.66 15.63
N LEU A 282 12.49 4.94 15.95
CA LEU A 282 12.47 5.96 14.91
C LEU A 282 13.74 5.87 14.06
N VAL A 283 13.59 6.07 12.75
CA VAL A 283 14.74 6.20 11.88
C VAL A 283 14.65 7.54 11.15
N ALA A 284 15.54 7.78 10.20
CA ALA A 284 15.61 9.11 9.62
C ALA A 284 14.32 9.44 8.88
N PRO A 285 13.84 10.68 8.99
CA PRO A 285 12.65 11.08 8.24
C PRO A 285 12.94 11.32 6.78
N MET A 286 11.92 11.10 5.96
CA MET A 286 11.97 11.50 4.56
C MET A 286 12.17 13.01 4.44
N THR A 287 12.68 13.40 3.28
CA THR A 287 12.77 14.82 2.95
C THR A 287 11.39 15.43 2.71
N THR A 288 10.44 14.65 2.20
CA THR A 288 9.11 15.13 1.85
C THR A 288 8.07 14.43 2.70
N ARG A 289 7.10 15.18 3.20
CA ARG A 289 5.95 14.61 3.87
C ARG A 289 5.06 13.88 2.86
N ARG A 290 4.60 12.67 3.20
CA ARG A 290 3.82 11.89 2.23
C ARG A 290 2.78 11.04 2.94
N SER A 291 1.50 11.33 2.71
CA SER A 291 0.43 10.38 3.01
C SER A 291 -0.10 9.82 1.68
N GLY A 292 -0.82 8.71 1.75
CA GLY A 292 -1.24 8.05 0.50
C GLY A 292 -0.05 7.62 -0.32
N VAL A 293 1.03 7.18 0.35
CA VAL A 293 2.33 6.94 -0.26
C VAL A 293 2.45 5.46 -0.60
N GLY A 294 3.14 5.15 -1.67
CA GLY A 294 3.50 3.78 -1.99
C GLY A 294 4.94 3.50 -1.59
N VAL A 295 5.23 2.26 -1.22
CA VAL A 295 6.59 1.93 -0.79
C VAL A 295 7.01 0.61 -1.43
N ALA A 296 8.27 0.53 -1.83
CA ALA A 296 8.86 -0.62 -2.47
C ALA A 296 10.24 -0.87 -1.90
N VAL A 297 10.63 -2.13 -1.87
CA VAL A 297 12.00 -2.53 -1.53
C VAL A 297 12.65 -3.11 -2.77
N LEU A 298 13.81 -2.57 -3.14
CA LEU A 298 14.52 -3.05 -4.32
C LEU A 298 16.01 -2.75 -4.18
#